data_3D7C
#
_entry.id   3D7C
#
_cell.length_a   45.428
_cell.length_b   72.862
_cell.length_c   75.890
_cell.angle_alpha   90.00
_cell.angle_beta   90.00
_cell.angle_gamma   90.00
#
_symmetry.space_group_name_H-M   'P 21 21 21'
#
loop_
_entity.id
_entity.type
_entity.pdbx_description
1 polymer 'General control of amino acid synthesis protein 5-like 2'
2 water water
#
_entity_poly.entity_id   1
_entity_poly.type   'polypeptide(L)'
_entity_poly.pdbx_seq_one_letter_code
;SMEDPDQLYTTLKNLLAQIKSHPSAWPFMEPVKKSEAPDYYEVIRFPIDLKTMTERLRSRYYVTRKLFVADLQRVIANCR
EYNPPDSEYCRCASALEKFFYFKLKEGGLIDK
;
_entity_poly.pdbx_strand_id   A,B
#
# COMPACT_ATOMS: atom_id res chain seq x y z
N MET A 2 4.96 11.36 25.22
CA MET A 2 5.91 11.07 26.32
C MET A 2 6.46 12.31 27.05
N GLU A 3 5.80 12.65 28.15
CA GLU A 3 6.45 13.05 29.41
C GLU A 3 6.50 11.77 30.27
N ASP A 4 6.00 10.67 29.69
CA ASP A 4 6.03 9.33 30.24
C ASP A 4 6.78 8.46 29.24
N PRO A 5 8.12 8.62 29.16
CA PRO A 5 8.92 7.90 28.18
C PRO A 5 8.86 6.38 28.33
N ASP A 6 8.66 5.92 29.56
CA ASP A 6 8.62 4.50 29.85
C ASP A 6 7.36 3.89 29.24
N GLN A 7 6.20 4.53 29.41
CA GLN A 7 4.97 4.02 28.75
C GLN A 7 5.17 3.84 27.24
N LEU A 8 5.74 4.86 26.60
CA LEU A 8 6.04 4.85 25.15
C LEU A 8 6.94 3.70 24.79
N TYR A 9 8.05 3.57 25.52
CA TYR A 9 9.05 2.53 25.25
C TYR A 9 8.46 1.12 25.25
N THR A 10 7.75 0.81 26.32
CA THR A 10 7.18 -0.51 26.50
C THR A 10 6.06 -0.74 25.49
N THR A 11 5.22 0.27 25.24
CA THR A 11 4.23 0.21 24.14
C THR A 11 4.84 -0.12 22.78
N LEU A 12 5.88 0.62 22.38
CA LEU A 12 6.60 0.35 21.11
C LEU A 12 7.29 -1.02 21.10
N LYS A 13 7.89 -1.40 22.21
CA LYS A 13 8.61 -2.66 22.29
C LYS A 13 7.64 -3.83 22.14
N ASN A 14 6.51 -3.72 22.83
CA ASN A 14 5.46 -4.71 22.71
C ASN A 14 4.85 -4.79 21.32
N LEU A 15 4.68 -3.62 20.69
CA LEU A 15 4.25 -3.57 19.33
C LEU A 15 5.25 -4.25 18.37
N LEU A 16 6.54 -3.96 18.52
CA LEU A 16 7.53 -4.38 17.54
C LEU A 16 7.81 -5.86 17.65
N ALA A 17 7.76 -6.39 18.89
CA ALA A 17 7.92 -7.80 19.17
C ALA A 17 6.86 -8.62 18.40
N GLN A 18 5.63 -8.12 18.42
CA GLN A 18 4.50 -8.70 17.68
C GLN A 18 4.62 -8.62 16.16
N ILE A 19 5.02 -7.44 15.66
CA ILE A 19 5.30 -7.24 14.23
C ILE A 19 6.39 -8.20 13.74
N LYS A 20 7.49 -8.31 14.48
CA LYS A 20 8.57 -9.22 14.09
C LYS A 20 8.21 -10.72 14.17
N SER A 21 7.10 -11.01 14.86
CA SER A 21 6.57 -12.37 14.99
C SER A 21 5.66 -12.79 13.86
N HIS A 22 5.16 -11.82 13.07
CA HIS A 22 4.20 -12.07 12.00
C HIS A 22 4.96 -12.73 10.83
N PRO A 23 4.38 -13.77 10.20
CA PRO A 23 5.08 -14.48 9.10
C PRO A 23 5.40 -13.59 7.84
N SER A 24 4.64 -12.50 7.65
CA SER A 24 4.89 -11.60 6.50
C SER A 24 6.02 -10.57 6.77
N ALA A 25 6.52 -10.56 8.00
CA ALA A 25 7.69 -9.75 8.38
C ALA A 25 8.99 -10.33 7.82
N TRP A 26 9.00 -11.57 7.31
CA TRP A 26 10.27 -12.23 6.91
C TRP A 26 11.14 -11.42 5.92
N PRO A 27 10.55 -10.76 4.86
CA PRO A 27 11.48 -10.07 3.98
C PRO A 27 12.07 -8.77 4.54
N PHE A 28 11.56 -8.31 5.68
CA PHE A 28 11.83 -7.01 6.23
C PHE A 28 12.58 -7.12 7.55
N MET A 29 13.08 -8.32 7.84
CA MET A 29 13.67 -8.61 9.16
C MET A 29 15.10 -8.03 9.31
N GLU A 30 15.78 -7.84 8.19
CA GLU A 30 17.15 -7.39 8.21
C GLU A 30 17.38 -6.49 7.01
N PRO A 31 18.47 -5.71 7.06
CA PRO A 31 18.73 -4.90 5.88
C PRO A 31 18.92 -5.70 4.58
N VAL A 32 18.35 -5.17 3.50
CA VAL A 32 18.57 -5.65 2.13
C VAL A 32 20.07 -5.89 1.89
N LYS A 33 20.45 -7.09 1.45
CA LYS A 33 21.79 -7.34 0.96
C LYS A 33 21.93 -6.83 -0.48
N LYS A 34 23.07 -6.25 -0.80
CA LYS A 34 23.37 -5.77 -2.17
C LYS A 34 23.59 -6.92 -3.13
N SER A 35 24.20 -8.00 -2.66
CA SER A 35 24.31 -9.20 -3.50
C SER A 35 22.97 -9.66 -4.03
N GLU A 36 21.89 -9.24 -3.38
CA GLU A 36 20.55 -9.55 -3.87
C GLU A 36 19.90 -8.38 -4.66
N ALA A 37 20.10 -7.15 -4.19
CA ALA A 37 19.54 -5.94 -4.77
C ALA A 37 20.64 -4.87 -4.84
N PRO A 38 21.54 -4.98 -5.85
CA PRO A 38 22.82 -4.24 -5.86
C PRO A 38 22.71 -2.70 -5.97
N ASP A 39 21.63 -2.18 -6.53
CA ASP A 39 21.40 -0.72 -6.54
C ASP A 39 20.48 -0.19 -5.43
N TYR A 40 20.09 -1.07 -4.48
CA TYR A 40 19.04 -0.76 -3.51
C TYR A 40 19.31 0.53 -2.77
N TYR A 41 20.56 0.69 -2.37
CA TYR A 41 20.96 1.78 -1.49
C TYR A 41 21.21 3.11 -2.23
N GLU A 42 21.32 3.04 -3.57
CA GLU A 42 21.19 4.21 -4.43
C GLU A 42 19.70 4.61 -4.67
N VAL A 43 18.83 3.63 -4.92
CA VAL A 43 17.41 3.86 -5.25
C VAL A 43 16.65 4.30 -3.98
N ILE A 44 16.89 3.60 -2.88
CA ILE A 44 16.20 3.82 -1.61
C ILE A 44 17.14 4.52 -0.62
N ARG A 45 16.91 5.82 -0.41
CA ARG A 45 17.88 6.63 0.36
C ARG A 45 17.68 6.56 1.85
N PHE A 46 16.49 6.13 2.28
CA PHE A 46 16.24 5.88 3.71
C PHE A 46 15.82 4.41 3.92
N PRO A 47 16.78 3.50 3.68
CA PRO A 47 16.48 2.11 3.97
C PRO A 47 16.17 1.85 5.45
N ILE A 48 15.22 0.95 5.68
CA ILE A 48 14.75 0.63 7.00
C ILE A 48 14.30 -0.82 7.00
N ASP A 49 14.43 -1.47 8.17
CA ASP A 49 14.16 -2.86 8.37
C ASP A 49 13.87 -3.07 9.86
N LEU A 50 13.41 -4.25 10.22
CA LEU A 50 13.02 -4.53 11.60
C LEU A 50 14.19 -4.73 12.59
N LYS A 51 15.37 -5.09 12.09
CA LYS A 51 16.54 -5.22 12.94
C LYS A 51 17.02 -3.83 13.33
N THR A 52 17.10 -2.93 12.34
CA THR A 52 17.48 -1.51 12.57
C THR A 52 16.47 -0.82 13.48
N MET A 53 15.20 -1.14 13.30
CA MET A 53 14.15 -0.56 14.14
C MET A 53 14.24 -1.02 15.60
N THR A 54 14.59 -2.29 15.82
CA THR A 54 14.90 -2.88 17.12
C THR A 54 16.13 -2.17 17.76
N GLU A 55 17.12 -1.85 16.94
CA GLU A 55 18.32 -1.16 17.43
C GLU A 55 18.04 0.26 17.79
N ARG A 56 17.21 0.91 16.97
CA ARG A 56 16.71 2.27 17.27
C ARG A 56 15.84 2.29 18.53
N LEU A 57 14.96 1.31 18.70
CA LEU A 57 14.12 1.27 19.89
C LEU A 57 15.01 1.17 21.12
N ARG A 58 15.94 0.24 21.08
CA ARG A 58 16.77 -0.04 22.25
C ARG A 58 17.73 1.08 22.61
N SER A 59 18.12 1.88 21.63
CA SER A 59 18.98 3.03 21.87
C SER A 59 18.18 4.32 22.17
N ARG A 60 16.86 4.24 22.29
CA ARG A 60 15.95 5.38 22.62
C ARG A 60 15.86 6.41 21.52
N TYR A 61 15.96 5.93 20.28
CA TYR A 61 15.78 6.76 19.10
C TYR A 61 14.35 7.23 19.02
N TYR A 62 13.42 6.33 19.33
CA TYR A 62 11.98 6.64 19.23
C TYR A 62 11.35 7.46 20.39
N VAL A 63 11.71 8.72 20.46
CA VAL A 63 11.23 9.55 21.55
C VAL A 63 9.75 9.98 21.37
N THR A 64 9.20 9.76 20.17
CA THR A 64 7.79 9.97 19.90
C THR A 64 7.27 8.70 19.21
N ARG A 65 5.98 8.47 19.35
CA ARG A 65 5.24 7.44 18.59
C ARG A 65 5.34 7.68 17.06
N LYS A 66 5.28 8.94 16.66
CA LYS A 66 5.38 9.31 15.25
C LYS A 66 6.69 8.87 14.58
N LEU A 67 7.82 8.93 15.29
CA LEU A 67 9.13 8.51 14.75
C LEU A 67 9.16 7.01 14.45
N PHE A 68 8.57 6.24 15.37
CA PHE A 68 8.37 4.79 15.21
C PHE A 68 7.47 4.47 14.05
N VAL A 69 6.29 5.08 13.99
CA VAL A 69 5.33 4.87 12.89
C VAL A 69 5.93 5.28 11.54
N ALA A 70 6.67 6.41 11.49
CA ALA A 70 7.30 6.81 10.25
C ALA A 70 8.23 5.70 9.71
N ASP A 71 9.05 5.09 10.59
CA ASP A 71 10.01 4.07 10.20
C ASP A 71 9.30 2.80 9.77
N LEU A 72 8.29 2.41 10.51
CA LEU A 72 7.47 1.25 10.14
C LEU A 72 6.75 1.45 8.81
N GLN A 73 6.11 2.60 8.66
CA GLN A 73 5.43 2.89 7.40
C GLN A 73 6.41 2.97 6.20
N ARG A 74 7.66 3.37 6.46
CA ARG A 74 8.68 3.41 5.43
C ARG A 74 9.24 2.03 5.03
N VAL A 75 9.15 1.04 5.92
CA VAL A 75 9.53 -0.34 5.57
C VAL A 75 8.65 -0.81 4.38
N ILE A 76 7.36 -0.53 4.54
CA ILE A 76 6.33 -0.78 3.53
C ILE A 76 6.49 0.10 2.28
N ALA A 77 6.55 1.43 2.45
CA ALA A 77 6.70 2.38 1.29
C ALA A 77 7.99 2.05 0.49
N ASN A 78 9.09 1.83 1.17
CA ASN A 78 10.32 1.40 0.48
C ASN A 78 10.11 0.13 -0.37
N CYS A 79 9.41 -0.85 0.19
CA CYS A 79 9.11 -2.08 -0.55
C CYS A 79 8.33 -1.83 -1.84
N ARG A 80 7.26 -1.06 -1.71
CA ARG A 80 6.43 -0.68 -2.81
C ARG A 80 7.11 0.27 -3.88
N GLU A 81 8.09 1.07 -3.45
CA GLU A 81 8.87 1.89 -4.37
C GLU A 81 9.85 1.00 -5.18
N TYR A 82 10.50 0.08 -4.51
CA TYR A 82 11.52 -0.77 -5.20
C TYR A 82 11.05 -2.05 -5.86
N ASN A 83 9.96 -2.65 -5.39
CA ASN A 83 9.60 -3.98 -5.88
C ASN A 83 8.35 -3.93 -6.72
N PRO A 84 8.16 -4.91 -7.63
CA PRO A 84 6.92 -4.91 -8.41
C PRO A 84 5.65 -5.02 -7.53
N PRO A 85 4.57 -4.30 -7.91
CA PRO A 85 3.43 -4.18 -6.99
C PRO A 85 2.76 -5.51 -6.59
N ASP A 86 2.82 -6.52 -7.45
CA ASP A 86 2.35 -7.85 -7.04
C ASP A 86 3.46 -8.91 -6.90
N SER A 87 4.69 -8.46 -6.65
CA SER A 87 5.74 -9.33 -6.19
C SER A 87 5.41 -9.95 -4.78
N GLU A 88 6.09 -11.05 -4.45
CA GLU A 88 5.96 -11.69 -3.14
C GLU A 88 6.27 -10.71 -2.04
N TYR A 89 7.40 -10.02 -2.18
CA TYR A 89 7.75 -8.98 -1.23
C TYR A 89 6.64 -8.00 -0.99
N CYS A 90 6.00 -7.50 -2.06
CA CYS A 90 4.86 -6.57 -1.89
C CYS A 90 3.62 -7.27 -1.33
N ARG A 91 3.42 -8.53 -1.68
CA ARG A 91 2.38 -9.33 -1.01
C ARG A 91 2.55 -9.37 0.49
N CYS A 92 3.76 -9.66 0.93
CA CYS A 92 4.11 -9.60 2.36
C CYS A 92 3.89 -8.19 2.96
N ALA A 93 4.32 -7.14 2.25
CA ALA A 93 4.19 -5.75 2.71
C ALA A 93 2.75 -5.39 3.02
N SER A 94 1.83 -5.74 2.11
CA SER A 94 0.40 -5.53 2.36
C SER A 94 -0.14 -6.33 3.53
N ALA A 95 0.26 -7.60 3.64
CA ALA A 95 -0.17 -8.45 4.77
C ALA A 95 0.32 -7.89 6.12
N LEU A 96 1.58 -7.48 6.20
CA LEU A 96 2.20 -6.96 7.44
C LEU A 96 1.61 -5.61 7.83
N GLU A 97 1.40 -4.73 6.83
CA GLU A 97 0.72 -3.42 6.99
C GLU A 97 -0.68 -3.53 7.56
N LYS A 98 -1.43 -4.46 7.02
CA LYS A 98 -2.77 -4.72 7.53
C LYS A 98 -2.67 -5.16 9.00
N PHE A 99 -1.79 -6.12 9.26
CA PHE A 99 -1.60 -6.57 10.62
C PHE A 99 -1.16 -5.41 11.54
N PHE A 100 -0.19 -4.57 11.13
CA PHE A 100 0.26 -3.52 12.08
C PHE A 100 -0.72 -2.38 12.26
N TYR A 101 -1.60 -2.16 11.28
CA TYR A 101 -2.69 -1.20 11.50
C TYR A 101 -3.74 -1.66 12.50
N PHE A 102 -4.08 -2.94 12.47
CA PHE A 102 -4.89 -3.55 13.50
C PHE A 102 -4.20 -3.41 14.87
N LYS A 103 -2.91 -3.66 14.93
CA LYS A 103 -2.17 -3.46 16.21
C LYS A 103 -2.12 -1.99 16.67
N LEU A 104 -1.83 -1.08 15.75
CA LEU A 104 -1.79 0.33 16.08
C LEU A 104 -3.10 0.82 16.65
N LYS A 105 -4.18 0.31 16.06
CA LYS A 105 -5.52 0.63 16.45
C LYS A 105 -5.83 0.00 17.80
N GLU A 106 -5.42 -1.27 17.99
CA GLU A 106 -5.53 -1.96 19.29
C GLU A 106 -4.81 -1.23 20.43
N GLY A 107 -3.62 -0.72 20.18
CA GLY A 107 -2.82 -0.05 21.20
C GLY A 107 -3.14 1.43 21.38
N GLY A 108 -4.20 1.93 20.71
CA GLY A 108 -4.64 3.32 20.78
C GLY A 108 -3.67 4.31 20.15
N LEU A 109 -2.83 3.82 19.24
CA LEU A 109 -1.72 4.60 18.73
C LEU A 109 -2.12 5.37 17.47
N ILE A 110 -3.20 4.94 16.82
CA ILE A 110 -3.87 5.73 15.78
C ILE A 110 -5.35 5.58 16.06
N ASP A 111 -6.15 6.44 15.45
CA ASP A 111 -7.60 6.37 15.63
C ASP A 111 -8.17 5.10 15.00
N LYS A 112 -9.24 4.59 15.62
CA LYS A 112 -9.88 3.35 15.25
C LYS A 112 -11.06 3.67 14.34
N PRO B 5 -9.92 -9.08 -29.70
CA PRO B 5 -10.29 -7.67 -29.78
C PRO B 5 -11.64 -7.49 -29.11
N ASP B 6 -12.67 -8.09 -29.69
CA ASP B 6 -13.98 -8.17 -29.03
C ASP B 6 -13.93 -9.10 -27.81
N GLN B 7 -13.08 -10.12 -27.87
CA GLN B 7 -12.86 -11.03 -26.73
C GLN B 7 -12.20 -10.30 -25.56
N LEU B 8 -11.22 -9.45 -25.88
CA LEU B 8 -10.51 -8.66 -24.86
C LEU B 8 -11.47 -7.70 -24.17
N TYR B 9 -12.36 -7.10 -24.96
CA TYR B 9 -13.30 -6.14 -24.41
C TYR B 9 -14.20 -6.83 -23.38
N THR B 10 -14.71 -8.00 -23.76
CA THR B 10 -15.64 -8.72 -22.87
C THR B 10 -14.93 -9.18 -21.59
N THR B 11 -13.68 -9.64 -21.72
CA THR B 11 -12.90 -10.01 -20.54
C THR B 11 -12.71 -8.85 -19.59
N LEU B 12 -12.38 -7.69 -20.15
CA LEU B 12 -12.14 -6.51 -19.35
C LEU B 12 -13.44 -5.93 -18.79
N LYS B 13 -14.52 -6.01 -19.58
CA LYS B 13 -15.84 -5.59 -19.14
C LYS B 13 -16.28 -6.35 -17.90
N ASN B 14 -16.10 -7.66 -17.94
CA ASN B 14 -16.34 -8.55 -16.81
C ASN B 14 -15.43 -8.31 -15.60
N LEU B 15 -14.14 -8.13 -15.84
CA LEU B 15 -13.18 -7.88 -14.76
C LEU B 15 -13.46 -6.51 -14.08
N LEU B 16 -13.62 -5.48 -14.90
CA LEU B 16 -14.05 -4.19 -14.42
C LEU B 16 -15.34 -4.23 -13.59
N ALA B 17 -16.35 -4.96 -14.06
CA ALA B 17 -17.63 -5.11 -13.34
C ALA B 17 -17.49 -5.80 -11.95
N GLN B 18 -16.58 -6.76 -11.85
CA GLN B 18 -16.28 -7.47 -10.60
C GLN B 18 -15.49 -6.61 -9.62
N ILE B 19 -14.64 -5.76 -10.17
CA ILE B 19 -13.91 -4.80 -9.38
C ILE B 19 -14.86 -3.75 -8.81
N LYS B 20 -15.70 -3.20 -9.68
CA LYS B 20 -16.60 -2.13 -9.27
C LYS B 20 -17.60 -2.61 -8.22
N SER B 21 -17.86 -3.92 -8.21
CA SER B 21 -18.81 -4.56 -7.28
C SER B 21 -18.15 -4.89 -5.94
N HIS B 22 -16.82 -4.84 -5.88
CA HIS B 22 -16.12 -5.16 -4.64
C HIS B 22 -16.47 -4.10 -3.54
N PRO B 23 -16.67 -4.54 -2.27
CA PRO B 23 -17.05 -3.54 -1.26
C PRO B 23 -15.95 -2.49 -0.96
N SER B 24 -14.71 -2.70 -1.43
CA SER B 24 -13.62 -1.75 -1.20
C SER B 24 -13.42 -0.81 -2.38
N ALA B 25 -14.26 -0.95 -3.41
CA ALA B 25 -14.16 -0.11 -4.60
C ALA B 25 -14.72 1.29 -4.36
N TRP B 26 -15.61 1.43 -3.38
CA TRP B 26 -16.35 2.70 -3.19
C TRP B 26 -15.51 4.03 -3.34
N PRO B 27 -14.29 4.11 -2.73
CA PRO B 27 -13.56 5.39 -2.83
C PRO B 27 -13.07 5.72 -4.24
N PHE B 28 -13.00 4.70 -5.10
CA PHE B 28 -12.41 4.79 -6.43
C PHE B 28 -13.45 4.77 -7.54
N MET B 29 -14.73 4.93 -7.18
CA MET B 29 -15.83 4.80 -8.15
C MET B 29 -15.97 5.98 -9.11
N GLU B 30 -15.69 7.20 -8.65
CA GLU B 30 -15.81 8.37 -9.50
C GLU B 30 -14.72 9.42 -9.22
N PRO B 31 -14.63 10.45 -10.07
CA PRO B 31 -13.68 11.51 -9.82
C PRO B 31 -13.90 12.19 -8.47
N VAL B 32 -12.79 12.43 -7.76
CA VAL B 32 -12.80 13.11 -6.49
C VAL B 32 -13.35 14.51 -6.74
N LYS B 33 -14.20 14.96 -5.82
CA LYS B 33 -14.75 16.29 -5.90
C LYS B 33 -13.96 17.16 -4.98
N LYS B 34 -13.69 18.39 -5.43
CA LYS B 34 -12.90 19.34 -4.63
C LYS B 34 -13.65 19.75 -3.36
N SER B 35 -14.98 19.65 -3.36
CA SER B 35 -15.74 19.92 -2.14
C SER B 35 -15.32 18.94 -1.01
N GLU B 36 -14.95 17.72 -1.39
CA GLU B 36 -14.45 16.74 -0.45
C GLU B 36 -12.93 16.86 -0.21
N ALA B 37 -12.16 17.17 -1.25
CA ALA B 37 -10.68 17.19 -1.11
C ALA B 37 -10.20 18.37 -1.95
N PRO B 38 -10.25 19.60 -1.36
CA PRO B 38 -9.99 20.87 -2.05
C PRO B 38 -8.71 20.94 -2.90
N ASP B 39 -7.58 20.47 -2.37
CA ASP B 39 -6.30 20.46 -3.08
C ASP B 39 -5.99 19.16 -3.87
N TYR B 40 -6.96 18.26 -4.01
CA TYR B 40 -6.68 17.01 -4.67
C TYR B 40 -5.99 17.15 -6.02
N TYR B 41 -6.51 18.04 -6.87
CA TYR B 41 -6.01 18.12 -8.23
C TYR B 41 -4.71 18.93 -8.35
N GLU B 42 -4.24 19.51 -7.23
CA GLU B 42 -2.88 20.04 -7.13
C GLU B 42 -1.90 18.99 -6.63
N VAL B 43 -2.41 17.92 -6.06
CA VAL B 43 -1.56 16.86 -5.61
C VAL B 43 -1.40 15.78 -6.69
N ILE B 44 -2.54 15.33 -7.22
CA ILE B 44 -2.60 14.21 -8.13
C ILE B 44 -2.61 14.71 -9.60
N ARG B 45 -1.48 14.49 -10.27
CA ARG B 45 -1.28 14.95 -11.64
C ARG B 45 -2.05 14.13 -12.62
N PHE B 46 -2.24 12.82 -12.35
CA PHE B 46 -2.95 11.94 -13.29
C PHE B 46 -4.10 11.22 -12.63
N PRO B 47 -5.14 11.96 -12.28
CA PRO B 47 -6.29 11.34 -11.66
C PRO B 47 -6.98 10.29 -12.54
N ILE B 48 -7.44 9.23 -11.91
CA ILE B 48 -8.13 8.14 -12.56
C ILE B 48 -9.08 7.56 -11.50
N ASP B 49 -10.19 6.99 -11.97
CA ASP B 49 -11.18 6.33 -11.14
C ASP B 49 -11.80 5.27 -12.03
N LEU B 50 -12.74 4.48 -11.47
CA LEU B 50 -13.36 3.36 -12.18
C LEU B 50 -14.44 3.76 -13.21
N LYS B 51 -15.19 4.84 -12.95
CA LYS B 51 -16.13 5.44 -13.94
C LYS B 51 -15.37 5.86 -15.18
N THR B 52 -14.26 6.59 -14.96
CA THR B 52 -13.42 7.04 -16.06
C THR B 52 -12.86 5.82 -16.83
N MET B 53 -12.42 4.77 -16.13
CA MET B 53 -11.98 3.51 -16.78
C MET B 53 -13.06 2.82 -17.65
N THR B 54 -14.29 2.84 -17.16
CA THR B 54 -15.48 2.36 -17.88
C THR B 54 -15.78 3.12 -19.16
N GLU B 55 -15.75 4.47 -19.09
CA GLU B 55 -15.72 5.32 -20.29
C GLU B 55 -14.55 4.97 -21.26
N ARG B 56 -13.35 4.73 -20.73
CA ARG B 56 -12.21 4.23 -21.55
C ARG B 56 -12.49 2.85 -22.14
N LEU B 57 -13.02 1.94 -21.32
CA LEU B 57 -13.47 0.65 -21.83
C LEU B 57 -14.38 0.85 -23.06
N ARG B 58 -15.49 1.57 -22.87
CA ARG B 58 -16.50 1.77 -23.94
C ARG B 58 -15.89 2.37 -25.22
N SER B 59 -14.92 3.26 -25.04
CA SER B 59 -14.32 3.98 -26.15
C SER B 59 -13.16 3.21 -26.82
N ARG B 60 -12.97 1.92 -26.46
CA ARG B 60 -11.99 0.99 -27.09
C ARG B 60 -10.51 1.34 -26.89
N TYR B 61 -10.26 1.92 -25.73
CA TYR B 61 -8.96 2.44 -25.32
C TYR B 61 -8.02 1.30 -24.90
N TYR B 62 -8.60 0.27 -24.30
CA TYR B 62 -7.84 -0.85 -23.74
C TYR B 62 -7.59 -1.88 -24.81
N VAL B 63 -6.64 -1.57 -25.68
CA VAL B 63 -6.24 -2.48 -26.76
C VAL B 63 -5.36 -3.58 -26.21
N THR B 64 -4.96 -3.42 -24.95
CA THR B 64 -4.24 -4.48 -24.25
C THR B 64 -4.71 -4.49 -22.81
N ARG B 65 -4.56 -5.68 -22.23
CA ARG B 65 -4.73 -5.90 -20.80
C ARG B 65 -3.74 -5.00 -20.01
N LYS B 66 -2.50 -4.88 -20.48
CA LYS B 66 -1.49 -4.10 -19.76
C LYS B 66 -1.94 -2.65 -19.52
N LEU B 67 -2.64 -2.06 -20.49
CA LEU B 67 -3.17 -0.68 -20.36
C LEU B 67 -4.21 -0.63 -19.27
N PHE B 68 -5.06 -1.64 -19.25
CA PHE B 68 -6.06 -1.79 -18.22
C PHE B 68 -5.42 -1.93 -16.84
N VAL B 69 -4.39 -2.76 -16.75
CA VAL B 69 -3.67 -2.91 -15.49
C VAL B 69 -2.97 -1.60 -15.05
N ALA B 70 -2.34 -0.89 -15.99
CA ALA B 70 -1.69 0.39 -15.63
C ALA B 70 -2.68 1.39 -15.01
N ASP B 71 -3.91 1.41 -15.52
CA ASP B 71 -4.94 2.24 -14.97
C ASP B 71 -5.32 1.84 -13.55
N LEU B 72 -5.48 0.54 -13.31
CA LEU B 72 -5.85 0.08 -11.96
C LEU B 72 -4.73 0.43 -10.98
N GLN B 73 -3.50 0.20 -11.42
CA GLN B 73 -2.32 0.51 -10.65
C GLN B 73 -2.21 2.00 -10.31
N ARG B 74 -2.63 2.87 -11.23
CA ARG B 74 -2.61 4.31 -10.99
C ARG B 74 -3.69 4.70 -10.01
N VAL B 75 -4.82 3.98 -10.01
CA VAL B 75 -5.92 4.20 -9.08
C VAL B 75 -5.38 4.00 -7.64
N ILE B 76 -4.66 2.91 -7.45
CA ILE B 76 -4.06 2.56 -6.14
C ILE B 76 -2.86 3.49 -5.78
N ALA B 77 -2.00 3.77 -6.75
CA ALA B 77 -0.86 4.67 -6.52
C ALA B 77 -1.31 6.07 -6.13
N ASN B 78 -2.31 6.63 -6.85
CA ASN B 78 -2.85 7.93 -6.51
C ASN B 78 -3.43 8.00 -5.10
N CYS B 79 -4.12 6.94 -4.71
CA CYS B 79 -4.63 6.83 -3.34
C CYS B 79 -3.50 6.87 -2.31
N ARG B 80 -2.47 6.09 -2.59
CA ARG B 80 -1.30 6.02 -1.70
C ARG B 80 -0.52 7.32 -1.66
N GLU B 81 -0.53 8.07 -2.76
CA GLU B 81 0.11 9.39 -2.80
C GLU B 81 -0.74 10.45 -2.04
N TYR B 82 -2.06 10.45 -2.26
CA TYR B 82 -2.91 11.51 -1.71
C TYR B 82 -3.22 11.33 -0.20
N ASN B 83 -3.59 10.12 0.17
CA ASN B 83 -4.15 9.84 1.48
C ASN B 83 -3.08 9.31 2.40
N PRO B 84 -3.17 9.62 3.70
CA PRO B 84 -2.30 9.01 4.72
C PRO B 84 -2.32 7.46 4.67
N PRO B 85 -1.15 6.83 4.88
CA PRO B 85 -1.05 5.35 4.73
C PRO B 85 -2.01 4.66 5.67
N ASP B 86 -2.17 5.36 6.80
CA ASP B 86 -3.10 5.21 7.91
C ASP B 86 -4.60 5.16 7.58
N SER B 87 -4.99 5.72 6.44
CA SER B 87 -6.40 6.02 6.20
C SER B 87 -7.19 4.83 5.72
N GLU B 88 -8.49 4.91 5.94
CA GLU B 88 -9.44 3.93 5.51
C GLU B 88 -9.41 3.73 3.98
N TYR B 89 -9.16 4.82 3.25
CA TYR B 89 -9.07 4.76 1.80
C TYR B 89 -7.91 3.88 1.36
N CYS B 90 -6.79 4.04 2.03
CA CYS B 90 -5.65 3.18 1.85
C CYS B 90 -5.90 1.72 2.26
N ARG B 91 -6.77 1.48 3.23
CA ARG B 91 -7.15 0.10 3.58
C ARG B 91 -7.97 -0.49 2.42
N CYS B 92 -8.93 0.29 1.93
CA CYS B 92 -9.68 -0.13 0.75
C CYS B 92 -8.77 -0.33 -0.45
N ALA B 93 -7.85 0.60 -0.69
CA ALA B 93 -6.88 0.49 -1.80
C ALA B 93 -6.10 -0.84 -1.76
N SER B 94 -5.65 -1.24 -0.57
CA SER B 94 -4.89 -2.49 -0.45
C SER B 94 -5.78 -3.70 -0.69
N ALA B 95 -6.96 -3.68 -0.09
CA ALA B 95 -7.96 -4.73 -0.28
C ALA B 95 -8.38 -4.88 -1.76
N LEU B 96 -8.55 -3.76 -2.46
CA LEU B 96 -8.95 -3.79 -3.85
C LEU B 96 -7.80 -4.26 -4.75
N GLU B 97 -6.57 -3.87 -4.41
CA GLU B 97 -5.34 -4.25 -5.12
C GLU B 97 -5.05 -5.75 -5.06
N LYS B 98 -5.18 -6.35 -3.86
CA LYS B 98 -5.07 -7.78 -3.65
C LYS B 98 -6.13 -8.52 -4.48
N PHE B 99 -7.35 -8.00 -4.43
CA PHE B 99 -8.47 -8.55 -5.23
C PHE B 99 -8.23 -8.52 -6.76
N PHE B 100 -7.84 -7.38 -7.32
CA PHE B 100 -7.71 -7.30 -8.76
C PHE B 100 -6.51 -8.10 -9.26
N TYR B 101 -5.39 -8.13 -8.52
CA TYR B 101 -4.29 -9.02 -8.92
C TYR B 101 -4.72 -10.50 -8.89
N PHE B 102 -5.58 -10.89 -7.94
CA PHE B 102 -6.08 -12.26 -7.94
C PHE B 102 -7.01 -12.49 -9.12
N LYS B 103 -7.96 -11.59 -9.35
CA LYS B 103 -8.90 -11.76 -10.46
C LYS B 103 -8.17 -11.85 -11.83
N LEU B 104 -7.14 -11.03 -12.01
CA LEU B 104 -6.35 -11.05 -13.24
C LEU B 104 -5.73 -12.43 -13.44
N LYS B 105 -5.13 -12.95 -12.38
CA LYS B 105 -4.60 -14.29 -12.36
C LYS B 105 -5.67 -15.38 -12.55
N GLU B 106 -6.80 -15.24 -11.86
CA GLU B 106 -7.95 -16.16 -11.94
C GLU B 106 -8.44 -16.37 -13.37
N GLY B 107 -8.46 -15.29 -14.14
CA GLY B 107 -8.83 -15.36 -15.56
C GLY B 107 -7.73 -15.87 -16.48
N GLY B 108 -6.55 -16.14 -15.92
CA GLY B 108 -5.40 -16.54 -16.73
C GLY B 108 -4.82 -15.36 -17.51
N LEU B 109 -4.97 -14.14 -16.96
CA LEU B 109 -4.65 -12.89 -17.67
C LEU B 109 -3.31 -12.27 -17.29
N ILE B 110 -2.63 -12.80 -16.25
CA ILE B 110 -1.32 -12.28 -15.84
C ILE B 110 -0.15 -13.16 -16.35
#